data_6DI1
#
_entry.id   6DI1
#
_cell.length_a   72.250
_cell.length_b   104.170
_cell.length_c   38.120
_cell.angle_alpha   90.000
_cell.angle_beta   90.000
_cell.angle_gamma   90.000
#
_symmetry.space_group_name_H-M   'P 21 21 2'
#
loop_
_entity.id
_entity.type
_entity.pdbx_description
1 polymer 'Tyrosine-protein kinase BTK'
2 non-polymer 4-amino-2-[(3S)-3-(propanoylamino)pyrrolidin-1-yl]pyrimidine-5-carboxamide
3 water water
#
_entity_poly.entity_id   1
_entity_poly.type   'polypeptide(L)'
_entity_poly.pdbx_seq_one_letter_code
;GLGYGSWEIDPKDLTFLKELGTGQFGVVKYGKWRGQYDVAIKMIKEGSMSEDEFIEEAKVMMNLSHEKLVQLYGVCTKQR
PIFIITEYMANGCLLNYLREMRHRFQTQQLLEMCKDVCEAMEYLESKQFLHRDLAARNCLVNDQGVVKVSDFGLSRYVLD
DEYTSSVGSKFPVRWSPPEVLMYSKFSSKSDIWAFGVLMWEIYSLGKMPYERFTNSETAEHIAQGLRLYRPHLASEKVYT
IMYSCWHEKADERPTFKILLSNILDVMDEES
;
_entity_poly.pdbx_strand_id   A
#
loop_
_chem_comp.id
_chem_comp.type
_chem_comp.name
_chem_comp.formula
GJD non-polymer 4-amino-2-[(3S)-3-(propanoylamino)pyrrolidin-1-yl]pyrimidine-5-carboxamide 'C12 H18 N6 O2'
#
# COMPACT_ATOMS: atom_id res chain seq x y z
N GLY A 1 14.84 27.56 -4.26
CA GLY A 1 16.41 27.54 -4.01
C GLY A 1 16.90 27.83 -2.56
N LEU A 2 17.49 29.02 -2.35
CA LEU A 2 17.78 29.51 -0.99
C LEU A 2 16.62 29.26 -0.09
N GLY A 3 16.90 28.67 1.02
CA GLY A 3 15.81 28.44 1.98
C GLY A 3 15.21 27.03 1.95
N TYR A 4 15.65 26.18 0.98
CA TYR A 4 15.08 24.84 0.73
C TYR A 4 16.15 23.77 0.56
N GLY A 5 16.04 22.70 1.36
CA GLY A 5 16.86 21.50 1.19
C GLY A 5 16.35 20.66 0.03
N SER A 6 17.10 19.60 -0.26
CA SER A 6 16.83 18.78 -1.42
C SER A 6 15.48 18.07 -1.32
N TRP A 7 15.04 17.85 -0.13
CA TRP A 7 13.76 17.18 0.14
C TRP A 7 12.57 18.15 0.18
N GLU A 8 12.81 19.48 0.06
CA GLU A 8 11.80 20.52 0.22
C GLU A 8 11.40 21.15 -1.13
N ILE A 9 10.09 21.14 -1.36
CA ILE A 9 9.48 21.82 -2.48
C ILE A 9 8.94 23.17 -2.01
N ASP A 10 9.06 24.17 -2.90
CA ASP A 10 8.48 25.49 -2.62
C ASP A 10 7.00 25.41 -2.98
N PRO A 11 6.10 25.58 -2.05
CA PRO A 11 4.70 25.46 -2.39
C PRO A 11 4.22 26.51 -3.38
N LYS A 12 4.96 27.60 -3.52
CA LYS A 12 4.61 28.59 -4.52
C LYS A 12 4.75 28.07 -5.92
N ASP A 13 5.46 26.97 -6.13
CA ASP A 13 5.56 26.35 -7.43
C ASP A 13 4.39 25.45 -7.80
N LEU A 14 3.40 25.36 -6.94
CA LEU A 14 2.27 24.47 -7.16
C LEU A 14 1.09 25.24 -7.75
N THR A 15 0.37 24.62 -8.68
CA THR A 15 -0.89 25.05 -9.21
C THR A 15 -1.86 23.94 -8.89
N PHE A 16 -2.92 24.23 -8.23
CA PHE A 16 -3.95 23.27 -7.81
C PHE A 16 -5.00 23.13 -8.86
N LEU A 17 -5.33 21.91 -9.31
CA LEU A 17 -6.25 21.65 -10.43
C LEU A 17 -7.56 20.93 -10.04
N LYS A 18 -7.50 19.90 -9.19
CA LYS A 18 -8.68 19.03 -8.94
C LYS A 18 -8.54 18.39 -7.59
N GLU A 19 -9.64 18.13 -6.90
CA GLU A 19 -9.62 17.23 -5.69
C GLU A 19 -9.52 15.74 -6.05
N LEU A 20 -8.72 14.98 -5.34
CA LEU A 20 -8.52 13.55 -5.62
C LEU A 20 -9.17 12.68 -4.56
N GLY A 21 -9.51 13.26 -3.43
CA GLY A 21 -10.17 12.49 -2.37
C GLY A 21 -9.52 12.82 -1.05
N THR A 22 -9.79 11.99 -0.03
CA THR A 22 -9.41 12.28 1.34
C THR A 22 -8.95 10.94 1.93
N GLY A 23 -7.84 10.94 2.67
CA GLY A 23 -7.27 9.71 3.24
C GLY A 23 -6.85 9.96 4.66
N GLN A 24 -5.84 9.23 5.12
CA GLN A 24 -5.42 9.16 6.54
C GLN A 24 -5.06 10.51 7.10
N PHE A 25 -4.42 11.33 6.28
CA PHE A 25 -3.98 12.63 6.70
C PHE A 25 -4.81 13.80 6.16
N GLY A 26 -5.94 13.51 5.55
CA GLY A 26 -6.75 14.56 4.99
C GLY A 26 -6.81 14.56 3.45
N VAL A 27 -7.00 15.74 2.90
CA VAL A 27 -7.28 15.86 1.49
C VAL A 27 -6.04 15.78 0.60
N VAL A 28 -6.26 15.28 -0.58
CA VAL A 28 -5.31 15.12 -1.63
C VAL A 28 -5.80 15.81 -2.88
N LYS A 29 -4.91 16.57 -3.53
CA LYS A 29 -5.24 17.28 -4.75
C LYS A 29 -4.34 16.94 -5.87
N TYR A 30 -4.83 17.05 -7.11
CA TYR A 30 -4.03 16.99 -8.27
C TYR A 30 -3.54 18.41 -8.62
N GLY A 31 -2.33 18.59 -9.01
CA GLY A 31 -1.82 19.85 -9.49
C GLY A 31 -0.66 19.69 -10.34
N LYS A 32 -0.06 20.86 -10.71
CA LYS A 32 1.16 20.91 -11.46
C LYS A 32 2.26 21.55 -10.67
N TRP A 33 3.48 21.17 -10.87
CA TRP A 33 4.65 21.81 -10.33
C TRP A 33 5.40 22.51 -11.46
N ARG A 34 5.67 23.81 -11.21
CA ARG A 34 6.30 24.70 -12.19
C ARG A 34 5.59 24.62 -13.53
N GLY A 35 4.27 24.70 -13.47
CA GLY A 35 3.41 24.80 -14.61
C GLY A 35 3.28 23.54 -15.46
N GLN A 36 4.10 22.55 -15.29
CA GLN A 36 4.12 21.49 -16.28
C GLN A 36 4.09 20.09 -15.71
N TYR A 37 4.60 19.86 -14.55
CA TYR A 37 4.80 18.47 -14.08
C TYR A 37 3.63 18.05 -13.21
N ASP A 38 2.95 16.95 -13.56
CA ASP A 38 1.85 16.47 -12.75
C ASP A 38 2.29 15.98 -11.42
N VAL A 39 1.57 16.36 -10.39
CA VAL A 39 1.85 15.94 -9.02
C VAL A 39 0.54 15.72 -8.28
N ALA A 40 0.58 14.87 -7.24
CA ALA A 40 -0.40 14.82 -6.23
C ALA A 40 0.15 15.57 -4.98
N ILE A 41 -0.77 16.23 -4.33
CA ILE A 41 -0.45 17.10 -3.19
C ILE A 41 -1.29 16.68 -2.01
N LYS A 42 -0.63 16.01 -1.06
CA LYS A 42 -1.30 15.55 0.14
C LYS A 42 -1.18 16.62 1.23
N MET A 43 -2.29 17.17 1.65
CA MET A 43 -2.33 18.25 2.61
C MET A 43 -2.57 17.65 4.01
N ILE A 44 -1.53 17.67 4.85
CA ILE A 44 -1.50 16.91 6.12
C ILE A 44 -2.25 17.68 7.23
N LYS A 45 -3.38 17.18 7.62
CA LYS A 45 -4.20 17.86 8.57
C LYS A 45 -3.53 18.06 9.90
N GLU A 46 -3.64 19.24 10.47
CA GLU A 46 -3.09 19.53 11.76
C GLU A 46 -3.44 18.54 12.83
N GLY A 47 -2.43 18.05 13.56
CA GLY A 47 -2.68 17.06 14.63
C GLY A 47 -2.71 15.60 14.21
N SER A 48 -2.64 15.31 12.90
CA SER A 48 -2.76 13.98 12.42
C SER A 48 -1.45 13.23 12.35
N MET A 49 -0.34 13.93 12.25
CA MET A 49 0.94 13.28 11.95
C MET A 49 2.03 13.72 12.91
N SER A 50 3.00 12.82 13.21
CA SER A 50 4.19 13.16 13.95
C SER A 50 5.13 13.76 12.97
N GLU A 51 5.03 15.12 12.79
CA GLU A 51 5.58 15.80 11.62
C GLU A 51 7.11 15.84 11.59
N ASP A 52 7.77 16.11 12.71
CA ASP A 52 9.20 16.17 12.71
C ASP A 52 9.85 14.79 12.37
N GLU A 53 9.27 13.73 12.96
CA GLU A 53 9.73 12.40 12.64
C GLU A 53 9.49 12.08 11.13
N PHE A 54 8.31 12.44 10.62
CA PHE A 54 8.02 12.18 9.22
C PHE A 54 8.99 12.92 8.31
N ILE A 55 9.29 14.18 8.63
CA ILE A 55 10.16 14.97 7.78
C ILE A 55 11.54 14.37 7.70
N GLU A 56 12.09 13.88 8.83
CA GLU A 56 13.34 13.24 8.86
C GLU A 56 13.30 11.99 8.02
N GLU A 57 12.24 11.21 8.09
CA GLU A 57 12.09 10.03 7.27
C GLU A 57 11.92 10.32 5.78
N ALA A 58 11.27 11.46 5.47
CA ALA A 58 11.09 11.83 4.07
C ALA A 58 12.45 11.91 3.39
N LYS A 59 13.51 12.26 4.12
CA LYS A 59 14.83 12.36 3.53
C LYS A 59 15.26 11.00 3.02
N VAL A 60 14.88 9.94 3.75
CA VAL A 60 15.14 8.51 3.36
C VAL A 60 14.25 8.07 2.20
N MET A 61 13.00 8.42 2.32
CA MET A 61 12.07 8.10 1.28
C MET A 61 12.50 8.78 -0.06
N MET A 62 13.18 9.93 -0.05
CA MET A 62 13.59 10.59 -1.32
C MET A 62 14.51 9.70 -2.10
N ASN A 63 15.15 8.77 -1.43
CA ASN A 63 16.03 7.87 -2.12
C ASN A 63 15.42 6.53 -2.54
N LEU A 64 14.17 6.31 -2.27
CA LEU A 64 13.51 5.11 -2.74
C LEU A 64 12.99 5.46 -4.15
N SER A 65 13.31 4.67 -5.17
CA SER A 65 12.85 4.96 -6.52
C SER A 65 12.68 3.63 -7.26
N HIS A 66 11.47 3.35 -7.70
CA HIS A 66 11.18 2.14 -8.44
C HIS A 66 9.96 2.42 -9.27
N GLU A 67 9.90 1.86 -10.44
CA GLU A 67 8.82 2.15 -11.33
C GLU A 67 7.44 1.76 -10.78
N LYS A 68 7.37 0.83 -9.81
CA LYS A 68 6.10 0.36 -9.28
C LYS A 68 5.84 0.92 -7.87
N LEU A 69 6.64 1.90 -7.47
CA LEU A 69 6.48 2.61 -6.22
C LEU A 69 6.05 4.03 -6.48
N VAL A 70 5.03 4.52 -5.87
CA VAL A 70 4.62 5.92 -6.07
C VAL A 70 5.78 6.83 -5.59
N GLN A 71 6.32 7.65 -6.45
CA GLN A 71 7.53 8.42 -6.14
C GLN A 71 7.22 9.57 -5.20
N LEU A 72 7.97 9.74 -4.14
CA LEU A 72 7.96 10.98 -3.36
C LEU A 72 8.84 12.01 -4.07
N TYR A 73 8.27 13.20 -4.32
CA TYR A 73 9.05 14.27 -4.96
C TYR A 73 9.60 15.25 -3.94
N GLY A 74 8.98 15.39 -2.83
CA GLY A 74 9.42 16.28 -1.71
C GLY A 74 8.31 16.67 -0.82
N VAL A 75 8.58 17.60 0.16
CA VAL A 75 7.68 17.95 1.09
C VAL A 75 7.66 19.54 1.22
N CYS A 76 6.59 20.05 1.61
CA CYS A 76 6.43 21.53 1.88
C CYS A 76 6.20 21.63 3.38
N THR A 77 7.26 22.13 4.04
CA THR A 77 7.44 22.10 5.48
C THR A 77 7.29 23.46 6.17
N LYS A 78 7.26 24.53 5.46
CA LYS A 78 7.44 25.74 6.22
C LYS A 78 6.13 26.22 6.89
N GLN A 79 5.11 25.36 7.04
CA GLN A 79 3.61 25.59 6.88
C GLN A 79 2.48 25.12 7.78
N ARG A 80 1.35 25.83 7.65
CA ARG A 80 -0.04 25.48 8.00
C ARG A 80 -0.10 24.12 7.58
N PRO A 81 -1.18 23.67 6.90
CA PRO A 81 -0.70 22.27 6.89
C PRO A 81 0.51 22.01 6.00
N ILE A 82 1.40 21.08 6.37
CA ILE A 82 2.46 20.64 5.52
C ILE A 82 1.91 19.81 4.34
N PHE A 83 2.65 19.83 3.25
CA PHE A 83 2.29 19.03 2.06
C PHE A 83 3.30 17.95 1.79
N ILE A 84 2.80 16.80 1.28
CA ILE A 84 3.64 15.78 0.68
C ILE A 84 3.40 15.77 -0.83
N ILE A 85 4.40 15.86 -1.62
CA ILE A 85 4.25 15.96 -3.05
C ILE A 85 4.69 14.68 -3.65
N THR A 86 3.85 14.00 -4.42
CA THR A 86 4.17 12.68 -4.98
C THR A 86 3.78 12.60 -6.43
N GLU A 87 4.19 11.49 -7.06
CA GLU A 87 3.73 11.11 -8.35
C GLU A 87 2.21 11.08 -8.42
N TYR A 88 1.65 11.53 -9.53
CA TYR A 88 0.25 11.56 -9.78
C TYR A 88 -0.24 10.24 -10.43
N MET A 89 -1.31 9.71 -9.85
CA MET A 89 -1.87 8.39 -10.24
C MET A 89 -3.38 8.65 -10.60
N ALA A 90 -3.60 8.86 -11.91
CA ALA A 90 -4.85 9.43 -12.36
C ALA A 90 -6.03 8.55 -12.12
N ASN A 91 -5.87 7.22 -12.00
CA ASN A 91 -7.01 6.34 -11.78
C ASN A 91 -7.24 6.01 -10.34
N GLY A 92 -6.56 6.66 -9.43
CA GLY A 92 -6.97 6.58 -8.03
C GLY A 92 -6.66 5.28 -7.29
N CYS A 93 -7.34 5.06 -6.17
CA CYS A 93 -6.94 3.91 -5.34
CA CYS A 93 -7.18 3.99 -5.28
C CYS A 93 -7.44 2.61 -5.99
N LEU A 94 -6.58 1.60 -5.80
CA LEU A 94 -6.83 0.30 -6.36
C LEU A 94 -8.14 -0.29 -5.88
N LEU A 95 -8.46 -0.13 -4.61
CA LEU A 95 -9.65 -0.77 -4.08
C LEU A 95 -10.84 -0.32 -4.85
N ASN A 96 -10.98 0.99 -5.07
CA ASN A 96 -12.11 1.47 -5.79
C ASN A 96 -12.11 1.04 -7.26
N TYR A 97 -10.93 0.99 -7.88
CA TYR A 97 -10.79 0.54 -9.26
C TYR A 97 -11.24 -0.88 -9.46
N LEU A 98 -10.87 -1.77 -8.52
CA LEU A 98 -11.28 -3.17 -8.58
C LEU A 98 -12.81 -3.32 -8.50
N ARG A 99 -13.43 -2.45 -7.72
CA ARG A 99 -14.86 -2.51 -7.48
C ARG A 99 -15.69 -1.99 -8.63
N GLU A 100 -15.15 -1.35 -9.61
CA GLU A 100 -15.87 -0.92 -10.80
C GLU A 100 -15.98 -2.05 -11.80
N MET A 101 -17.16 -2.66 -11.85
CA MET A 101 -17.38 -3.86 -12.65
C MET A 101 -17.32 -3.58 -14.17
N ARG A 102 -17.44 -2.30 -14.54
CA ARG A 102 -17.36 -1.98 -16.00
C ARG A 102 -16.04 -2.42 -16.57
N HIS A 103 -14.92 -2.49 -15.79
CA HIS A 103 -13.62 -2.81 -16.34
C HIS A 103 -13.62 -4.23 -16.92
N ARG A 104 -14.44 -5.13 -16.40
CA ARG A 104 -14.53 -6.48 -16.96
C ARG A 104 -13.16 -7.10 -17.10
N PHE A 105 -12.40 -7.10 -15.97
CA PHE A 105 -11.04 -7.52 -15.97
C PHE A 105 -10.87 -8.96 -16.44
N GLN A 106 -9.87 -9.23 -17.18
CA GLN A 106 -9.37 -10.60 -17.40
C GLN A 106 -8.49 -11.00 -16.23
N THR A 107 -8.38 -12.29 -15.99
CA THR A 107 -7.48 -12.71 -14.91
C THR A 107 -6.07 -12.42 -15.18
N GLN A 108 -5.59 -12.33 -16.41
CA GLN A 108 -4.24 -11.90 -16.67
C GLN A 108 -4.03 -10.45 -16.22
N GLN A 109 -5.02 -9.59 -16.32
CA GLN A 109 -4.86 -8.26 -15.81
C GLN A 109 -4.75 -8.26 -14.29
N LEU A 110 -5.51 -9.10 -13.61
CA LEU A 110 -5.43 -9.22 -12.15
C LEU A 110 -4.05 -9.72 -11.72
N LEU A 111 -3.53 -10.69 -12.42
CA LEU A 111 -2.20 -11.18 -12.09
C LEU A 111 -1.12 -10.13 -12.31
N GLU A 112 -1.26 -9.32 -13.35
CA GLU A 112 -0.34 -8.22 -13.59
C GLU A 112 -0.36 -7.20 -12.47
N MET A 113 -1.54 -6.91 -11.92
CA MET A 113 -1.64 -6.01 -10.77
C MET A 113 -0.87 -6.59 -9.60
N CYS A 114 -1.02 -7.89 -9.36
CA CYS A 114 -0.26 -8.55 -8.30
C CYS A 114 1.24 -8.44 -8.54
N LYS A 115 1.66 -8.62 -9.78
CA LYS A 115 3.08 -8.53 -10.13
C LYS A 115 3.61 -7.15 -9.92
N ASP A 116 2.86 -6.13 -10.32
CA ASP A 116 3.25 -4.72 -10.09
C ASP A 116 3.56 -4.51 -8.64
N VAL A 117 2.63 -4.90 -7.75
CA VAL A 117 2.84 -4.71 -6.32
C VAL A 117 4.01 -5.52 -5.84
N CYS A 118 4.12 -6.78 -6.29
CA CYS A 118 5.19 -7.63 -5.82
C CYS A 118 6.54 -7.05 -6.22
N GLU A 119 6.67 -6.48 -7.40
CA GLU A 119 7.94 -5.83 -7.80
C GLU A 119 8.28 -4.68 -6.88
N ALA A 120 7.33 -3.84 -6.55
CA ALA A 120 7.57 -2.75 -5.61
C ALA A 120 8.00 -3.28 -4.28
N MET A 121 7.33 -4.31 -3.79
CA MET A 121 7.66 -4.87 -2.48
C MET A 121 8.99 -5.56 -2.47
N GLU A 122 9.35 -6.22 -3.54
CA GLU A 122 10.71 -6.82 -3.63
C GLU A 122 11.77 -5.72 -3.55
N TYR A 123 11.52 -4.60 -4.18
CA TYR A 123 12.43 -3.44 -4.11
C TYR A 123 12.51 -2.98 -2.67
N LEU A 124 11.38 -2.73 -2.01
CA LEU A 124 11.42 -2.28 -0.62
C LEU A 124 12.13 -3.32 0.23
N GLU A 125 11.89 -4.56 0.04
CA GLU A 125 12.53 -5.57 0.86
C GLU A 125 14.05 -5.51 0.61
N SER A 126 14.48 -5.27 -0.58
CA SER A 126 15.92 -5.14 -0.88
C SER A 126 16.51 -3.95 -0.21
N LYS A 127 15.77 -2.97 0.24
CA LYS A 127 16.21 -1.85 0.97
C LYS A 127 15.91 -2.02 2.44
N GLN A 128 15.48 -3.15 2.90
N GLN A 128 15.50 -3.23 2.89
CA GLN A 128 15.18 -3.21 4.29
CA GLN A 128 15.02 -3.56 4.26
C GLN A 128 14.17 -2.19 4.74
C GLN A 128 13.99 -2.56 4.81
N PHE A 129 13.14 -2.01 3.91
CA PHE A 129 12.13 -0.98 4.21
C PHE A 129 10.76 -1.68 4.30
N LEU A 130 10.12 -1.69 5.41
CA LEU A 130 8.78 -2.31 5.56
C LEU A 130 7.70 -1.36 5.11
N HIS A 131 6.67 -1.88 4.46
CA HIS A 131 5.52 -1.05 4.21
C HIS A 131 4.77 -0.74 5.49
N ARG A 132 4.46 -1.77 6.24
CA ARG A 132 3.75 -1.75 7.51
C ARG A 132 2.26 -1.62 7.42
N ASP A 133 1.67 -1.30 6.27
CA ASP A 133 0.21 -1.27 6.13
C ASP A 133 -0.19 -1.57 4.71
N LEU A 134 0.34 -2.60 4.10
CA LEU A 134 0.04 -2.88 2.70
C LEU A 134 -1.41 -3.41 2.60
N ALA A 135 -2.15 -2.91 1.62
CA ALA A 135 -3.55 -3.25 1.38
C ALA A 135 -3.96 -2.60 0.08
N ALA A 136 -5.06 -3.05 -0.54
CA ALA A 136 -5.48 -2.41 -1.76
C ALA A 136 -5.80 -0.94 -1.61
N ARG A 137 -6.28 -0.55 -0.45
CA ARG A 137 -6.63 0.84 -0.24
C ARG A 137 -5.33 1.72 -0.33
N ASN A 138 -4.19 1.22 -0.15
CA ASN A 138 -2.84 1.87 -0.17
C ASN A 138 -2.09 1.63 -1.46
N CYS A 139 -2.73 1.10 -2.48
CA CYS A 139 -2.19 1.05 -3.80
C CYS A 139 -2.95 2.00 -4.68
N LEU A 140 -2.30 2.52 -5.72
CA LEU A 140 -2.86 3.49 -6.65
C LEU A 140 -2.69 3.00 -8.06
N VAL A 141 -3.45 3.59 -8.98
CA VAL A 141 -3.47 3.12 -10.36
C VAL A 141 -3.25 4.35 -11.28
N ASN A 142 -2.33 4.23 -12.20
CA ASN A 142 -2.06 5.35 -13.10
C ASN A 142 -2.91 5.30 -14.34
N ASP A 143 -2.75 6.27 -15.24
CA ASP A 143 -3.54 6.34 -16.48
C ASP A 143 -3.29 5.25 -17.43
N GLN A 144 -2.26 4.50 -17.27
CA GLN A 144 -1.95 3.32 -18.10
C GLN A 144 -2.39 2.03 -17.42
N GLY A 145 -3.07 2.10 -16.27
CA GLY A 145 -3.49 0.90 -15.60
C GLY A 145 -2.45 0.23 -14.76
N VAL A 146 -1.29 0.83 -14.59
CA VAL A 146 -0.24 0.26 -13.79
C VAL A 146 -0.56 0.53 -12.31
N VAL A 147 -0.42 -0.50 -11.48
CA VAL A 147 -0.61 -0.34 -10.05
C VAL A 147 0.74 -0.06 -9.41
N LYS A 148 0.71 0.87 -8.45
CA LYS A 148 1.93 1.18 -7.68
C LYS A 148 1.60 1.26 -6.23
N VAL A 149 2.61 0.96 -5.40
CA VAL A 149 2.49 0.93 -3.96
C VAL A 149 2.70 2.35 -3.41
N SER A 150 1.85 2.78 -2.53
N SER A 150 1.81 2.76 -2.50
CA SER A 150 2.00 4.10 -1.98
CA SER A 150 1.70 4.12 -1.91
C SER A 150 1.97 4.05 -0.47
C SER A 150 1.73 4.09 -0.40
N ASP A 151 2.29 5.20 0.12
CA ASP A 151 2.20 5.44 1.57
C ASP A 151 3.02 4.48 2.39
N PHE A 152 4.04 3.95 1.80
CA PHE A 152 4.90 2.96 2.46
C PHE A 152 5.55 3.59 3.67
N GLY A 153 5.46 2.91 4.80
CA GLY A 153 6.00 3.36 6.09
C GLY A 153 5.23 4.40 6.80
N LEU A 154 4.22 5.04 6.20
CA LEU A 154 3.64 6.23 6.80
C LEU A 154 2.84 5.95 8.05
N SER A 155 2.42 4.73 8.32
CA SER A 155 1.69 4.43 9.49
C SER A 155 2.50 4.73 10.74
N ARG A 156 3.80 4.78 10.64
CA ARG A 156 4.67 5.04 11.80
C ARG A 156 4.46 6.44 12.33
N TYR A 157 3.87 7.34 11.56
CA TYR A 157 3.74 8.74 11.93
C TYR A 157 2.33 9.11 12.20
N VAL A 158 1.40 8.21 12.29
CA VAL A 158 0.00 8.52 12.55
C VAL A 158 -0.24 8.65 14.02
N LEU A 159 -0.77 9.81 14.42
CA LEU A 159 -1.03 10.08 15.85
C LEU A 159 -2.33 9.54 16.39
N ASP A 160 -3.30 9.23 15.54
CA ASP A 160 -4.57 8.63 16.02
C ASP A 160 -4.39 7.20 16.50
N ASP A 161 -4.43 7.02 17.81
CA ASP A 161 -4.13 5.72 18.40
C ASP A 161 -5.18 4.66 17.98
N GLU A 162 -6.34 5.03 17.50
CA GLU A 162 -7.26 3.99 16.96
C GLU A 162 -6.64 3.23 15.77
N TYR A 163 -5.66 3.84 15.09
CA TYR A 163 -5.05 3.19 13.93
C TYR A 163 -3.85 2.39 14.30
N THR A 164 -3.28 2.59 15.46
CA THR A 164 -1.84 2.29 15.58
C THR A 164 -1.46 1.07 16.35
N SER A 165 -2.40 0.53 17.07
CA SER A 165 -2.21 -0.80 17.64
C SER A 165 -3.50 -1.64 17.47
N SER A 166 -3.38 -2.96 17.70
CA SER A 166 -4.52 -3.87 17.49
C SER A 166 -5.65 -3.46 18.47
N VAL A 167 -5.29 -2.83 19.58
CA VAL A 167 -6.28 -2.44 20.57
C VAL A 167 -7.11 -1.31 20.02
N GLY A 168 -6.76 -0.89 18.79
CA GLY A 168 -7.42 0.21 18.12
C GLY A 168 -8.54 -0.21 17.16
N SER A 169 -9.60 0.59 17.15
CA SER A 169 -10.73 0.36 16.29
C SER A 169 -10.48 0.48 14.80
N LYS A 170 -9.39 1.13 14.36
CA LYS A 170 -9.09 1.31 12.95
C LYS A 170 -7.80 0.58 12.52
N PHE A 171 -7.29 -0.30 13.36
CA PHE A 171 -6.12 -1.11 13.04
C PHE A 171 -6.43 -2.09 11.92
N PRO A 172 -5.46 -2.36 11.01
CA PRO A 172 -5.72 -3.31 9.88
C PRO A 172 -5.65 -4.76 10.26
N VAL A 173 -6.57 -5.14 11.13
CA VAL A 173 -6.65 -6.51 11.61
C VAL A 173 -6.70 -7.51 10.46
N ARG A 174 -7.53 -7.18 9.44
CA ARG A 174 -7.75 -8.14 8.38
C ARG A 174 -6.56 -8.36 7.46
N TRP A 175 -5.50 -7.54 7.64
CA TRP A 175 -4.27 -7.64 6.83
C TRP A 175 -3.09 -8.08 7.72
N SER A 176 -3.34 -8.58 8.92
CA SER A 176 -2.27 -8.83 9.92
C SER A 176 -2.09 -10.29 10.23
N PRO A 177 -0.86 -10.75 10.32
CA PRO A 177 -0.59 -12.11 10.70
C PRO A 177 -0.81 -12.38 12.20
N PRO A 178 -0.85 -13.63 12.60
CA PRO A 178 -1.08 -13.95 14.02
C PRO A 178 -0.08 -13.31 14.92
N GLU A 179 1.20 -13.24 14.57
CA GLU A 179 2.20 -12.71 15.50
C GLU A 179 2.05 -11.24 15.66
N VAL A 180 1.45 -10.47 14.68
CA VAL A 180 1.16 -9.09 14.87
C VAL A 180 -0.02 -8.94 15.82
N LEU A 181 -1.09 -9.71 15.59
CA LEU A 181 -2.26 -9.60 16.45
C LEU A 181 -1.98 -10.08 17.87
N MET A 182 -1.17 -11.06 18.03
CA MET A 182 -0.90 -11.67 19.39
C MET A 182 0.16 -10.87 20.12
N TYR A 183 1.23 -10.35 19.46
CA TYR A 183 2.43 -9.92 20.15
C TYR A 183 2.99 -8.70 19.55
N SER A 184 2.41 -8.08 18.51
CA SER A 184 2.96 -6.92 17.87
C SER A 184 4.34 -7.17 17.22
N LYS A 185 4.50 -8.34 16.65
CA LYS A 185 5.74 -8.66 16.01
C LYS A 185 5.71 -8.31 14.50
N PHE A 186 6.20 -7.18 14.16
CA PHE A 186 6.29 -6.73 12.74
C PHE A 186 7.57 -7.18 12.12
N SER A 187 7.57 -7.53 10.86
CA SER A 187 8.78 -7.96 10.15
C SER A 187 8.50 -7.97 8.69
N SER A 188 9.51 -8.35 7.91
CA SER A 188 9.26 -8.60 6.49
C SER A 188 8.10 -9.55 6.29
N LYS A 189 7.98 -10.51 7.14
CA LYS A 189 6.97 -11.52 7.02
C LYS A 189 5.53 -11.05 7.34
N SER A 190 5.38 -9.92 8.04
CA SER A 190 4.05 -9.32 8.18
C SER A 190 3.70 -8.56 6.92
N ASP A 191 4.65 -7.99 6.20
CA ASP A 191 4.38 -7.48 4.86
C ASP A 191 4.01 -8.60 3.91
N ILE A 192 4.67 -9.75 4.00
CA ILE A 192 4.32 -10.91 3.14
C ILE A 192 2.87 -11.30 3.37
N TRP A 193 2.48 -11.45 4.62
CA TRP A 193 1.10 -11.84 4.94
C TRP A 193 0.13 -10.84 4.30
N ALA A 194 0.36 -9.56 4.50
CA ALA A 194 -0.50 -8.49 3.97
C ALA A 194 -0.57 -8.60 2.46
N PHE A 195 0.55 -8.87 1.78
CA PHE A 195 0.54 -9.05 0.33
C PHE A 195 -0.36 -10.19 -0.09
N GLY A 196 -0.37 -11.30 0.63
CA GLY A 196 -1.31 -12.33 0.28
C GLY A 196 -2.75 -11.91 0.38
N VAL A 197 -3.09 -11.16 1.46
CA VAL A 197 -4.42 -10.61 1.55
C VAL A 197 -4.72 -9.66 0.40
N LEU A 198 -3.77 -8.84 0.00
CA LEU A 198 -3.93 -7.97 -1.16
C LEU A 198 -4.19 -8.76 -2.44
N MET A 199 -3.47 -9.86 -2.66
CA MET A 199 -3.79 -10.70 -3.82
C MET A 199 -5.23 -11.19 -3.71
N TRP A 200 -5.69 -11.58 -2.53
CA TRP A 200 -7.06 -11.97 -2.32
C TRP A 200 -8.02 -10.82 -2.67
N GLU A 201 -7.71 -9.63 -2.25
CA GLU A 201 -8.55 -8.47 -2.59
C GLU A 201 -8.64 -8.27 -4.09
N ILE A 202 -7.53 -8.39 -4.78
CA ILE A 202 -7.47 -8.23 -6.27
C ILE A 202 -8.37 -9.28 -6.92
N TYR A 203 -8.15 -10.54 -6.57
CA TYR A 203 -8.91 -11.60 -7.21
C TYR A 203 -10.35 -11.65 -6.81
N SER A 204 -10.72 -10.99 -5.72
CA SER A 204 -12.06 -10.85 -5.27
C SER A 204 -12.73 -9.57 -5.75
N LEU A 205 -12.08 -8.81 -6.63
CA LEU A 205 -12.62 -7.58 -7.18
C LEU A 205 -12.98 -6.65 -6.05
N GLY A 206 -12.15 -6.59 -5.00
CA GLY A 206 -12.31 -5.58 -3.98
C GLY A 206 -13.24 -5.87 -2.85
N LYS A 207 -13.64 -7.11 -2.68
CA LYS A 207 -14.39 -7.49 -1.47
C LYS A 207 -13.57 -7.20 -0.24
N MET A 208 -14.25 -6.94 0.89
CA MET A 208 -13.58 -6.91 2.19
C MET A 208 -13.14 -8.36 2.65
N PRO A 209 -11.86 -8.48 2.99
CA PRO A 209 -11.44 -9.79 3.51
C PRO A 209 -12.28 -10.13 4.75
N TYR A 210 -12.66 -11.40 4.84
CA TYR A 210 -13.46 -11.89 6.00
C TYR A 210 -14.76 -11.07 6.11
N GLU A 211 -15.46 -10.93 5.00
CA GLU A 211 -16.54 -9.92 4.88
C GLU A 211 -17.67 -10.14 5.85
N ARG A 212 -17.91 -11.31 6.29
CA ARG A 212 -18.99 -11.57 7.23
C ARG A 212 -18.59 -11.53 8.65
N PHE A 213 -17.31 -11.29 8.96
CA PHE A 213 -16.76 -11.25 10.32
C PHE A 213 -16.49 -9.85 10.74
N THR A 214 -16.56 -9.59 12.08
CA THR A 214 -15.96 -8.43 12.65
C THR A 214 -14.41 -8.56 12.74
N ASN A 215 -13.77 -7.48 13.06
CA ASN A 215 -12.30 -7.54 13.32
C ASN A 215 -12.00 -8.52 14.43
N SER A 216 -12.78 -8.51 15.52
CA SER A 216 -12.53 -9.45 16.63
C SER A 216 -12.67 -10.90 16.20
N GLU A 217 -13.70 -11.21 15.41
CA GLU A 217 -13.90 -12.47 14.94
C GLU A 217 -12.77 -12.94 13.94
N THR A 218 -12.33 -12.00 13.13
CA THR A 218 -11.23 -12.26 12.23
C THR A 218 -9.99 -12.70 13.00
N ALA A 219 -9.66 -11.93 14.03
CA ALA A 219 -8.49 -12.28 14.83
C ALA A 219 -8.61 -13.64 15.46
N GLU A 220 -9.77 -14.03 15.89
CA GLU A 220 -9.97 -15.37 16.45
C GLU A 220 -9.85 -16.45 15.37
N HIS A 221 -10.39 -16.18 14.20
CA HIS A 221 -10.34 -17.11 13.08
C HIS A 221 -8.91 -17.39 12.76
N ILE A 222 -8.12 -16.34 12.57
CA ILE A 222 -6.75 -16.55 12.08
C ILE A 222 -5.82 -17.08 13.07
N ALA A 223 -6.03 -16.70 14.30
CA ALA A 223 -5.12 -17.10 15.40
C ALA A 223 -5.45 -18.61 15.66
N GLN A 224 -6.65 -19.15 15.37
CA GLN A 224 -7.03 -20.61 15.33
C GLN A 224 -6.66 -21.40 14.07
N GLY A 225 -5.89 -20.76 13.20
CA GLY A 225 -5.27 -21.36 12.09
C GLY A 225 -6.08 -21.37 10.81
N LEU A 226 -7.25 -20.74 10.86
CA LEU A 226 -8.10 -20.69 9.69
C LEU A 226 -7.80 -19.44 8.84
N ARG A 227 -8.24 -19.48 7.59
CA ARG A 227 -7.74 -18.55 6.58
C ARG A 227 -8.86 -18.12 5.67
N LEU A 228 -8.60 -17.10 4.85
CA LEU A 228 -9.41 -16.81 3.67
C LEU A 228 -9.41 -18.02 2.81
N TYR A 229 -10.39 -18.12 1.91
CA TYR A 229 -10.41 -19.19 0.93
C TYR A 229 -10.42 -18.66 -0.51
N ARG A 230 -10.43 -19.53 -1.47
CA ARG A 230 -10.08 -19.16 -2.85
C ARG A 230 -11.10 -18.28 -3.52
N PRO A 231 -10.69 -17.08 -4.00
CA PRO A 231 -11.64 -16.30 -4.82
C PRO A 231 -11.96 -17.05 -6.09
N HIS A 232 -13.18 -16.87 -6.58
CA HIS A 232 -13.63 -17.61 -7.76
C HIS A 232 -12.75 -17.34 -8.98
N LEU A 233 -12.16 -16.16 -9.11
CA LEU A 233 -11.35 -15.79 -10.26
C LEU A 233 -9.93 -16.32 -10.15
N ALA A 234 -9.50 -16.82 -8.97
CA ALA A 234 -8.15 -17.31 -8.83
C ALA A 234 -8.05 -18.74 -9.26
N SER A 235 -7.11 -19.08 -10.10
CA SER A 235 -6.78 -20.47 -10.39
C SER A 235 -6.19 -21.11 -9.18
N GLU A 236 -6.07 -22.46 -9.23
CA GLU A 236 -5.41 -23.17 -8.17
C GLU A 236 -3.97 -22.67 -7.95
N LYS A 237 -3.27 -22.42 -9.01
CA LYS A 237 -1.89 -21.96 -8.90
C LYS A 237 -1.83 -20.54 -8.26
N VAL A 238 -2.72 -19.65 -8.64
CA VAL A 238 -2.76 -18.34 -8.00
C VAL A 238 -3.11 -18.47 -6.53
N TYR A 239 -4.10 -19.30 -6.20
CA TYR A 239 -4.49 -19.49 -4.83
C TYR A 239 -3.31 -20.01 -3.98
N THR A 240 -2.57 -20.93 -4.57
CA THR A 240 -1.40 -21.49 -3.84
C THR A 240 -0.44 -20.36 -3.46
N ILE A 241 -0.19 -19.43 -4.38
CA ILE A 241 0.68 -18.32 -4.09
C ILE A 241 0.18 -17.47 -2.96
N MET A 242 -1.07 -17.00 -3.03
CA MET A 242 -1.59 -16.15 -1.93
C MET A 242 -1.59 -16.90 -0.61
N TYR A 243 -1.96 -18.19 -0.66
CA TYR A 243 -2.09 -18.98 0.56
C TYR A 243 -0.70 -19.17 1.20
N SER A 244 0.33 -19.26 0.41
CA SER A 244 1.69 -19.43 0.96
C SER A 244 2.12 -18.25 1.82
N CYS A 245 1.49 -17.08 1.63
CA CYS A 245 1.78 -15.91 2.42
C CYS A 245 1.22 -15.99 3.85
N TRP A 246 0.41 -17.02 4.11
CA TRP A 246 -0.36 -17.10 5.34
C TRP A 246 0.09 -18.20 6.26
N HIS A 247 1.29 -18.74 6.03
N HIS A 247 1.27 -18.71 6.06
CA HIS A 247 1.83 -19.79 6.93
CA HIS A 247 1.68 -19.75 6.96
C HIS A 247 1.83 -19.28 8.35
C HIS A 247 1.65 -19.21 8.40
N GLU A 248 1.30 -20.10 9.32
CA GLU A 248 1.32 -19.71 10.69
C GLU A 248 2.72 -19.31 11.17
N LYS A 249 3.72 -20.02 10.74
CA LYS A 249 5.12 -19.72 11.11
C LYS A 249 5.67 -18.69 10.13
N ALA A 250 6.00 -17.54 10.60
CA ALA A 250 6.46 -16.46 9.75
C ALA A 250 7.64 -16.89 8.92
N ASP A 251 8.57 -17.68 9.47
CA ASP A 251 9.76 -18.06 8.73
C ASP A 251 9.48 -19.00 7.60
N GLU A 252 8.34 -19.61 7.52
CA GLU A 252 8.01 -20.45 6.44
C GLU A 252 7.29 -19.73 5.29
N ARG A 253 6.98 -18.44 5.46
CA ARG A 253 6.44 -17.63 4.38
C ARG A 253 7.55 -17.26 3.39
N PRO A 254 7.21 -17.13 2.14
CA PRO A 254 8.20 -16.75 1.12
C PRO A 254 8.72 -15.34 1.31
N THR A 255 9.78 -14.99 0.59
CA THR A 255 10.20 -13.64 0.37
C THR A 255 9.48 -13.03 -0.85
N PHE A 256 9.60 -11.72 -1.03
CA PHE A 256 9.02 -11.12 -2.21
C PHE A 256 9.72 -11.57 -3.48
N LYS A 257 11.03 -11.84 -3.42
CA LYS A 257 11.74 -12.37 -4.60
C LYS A 257 11.13 -13.73 -5.02
N ILE A 258 10.88 -14.60 -4.07
CA ILE A 258 10.30 -15.88 -4.35
C ILE A 258 8.91 -15.71 -4.89
N LEU A 259 8.08 -14.85 -4.26
CA LEU A 259 6.73 -14.59 -4.74
C LEU A 259 6.78 -14.11 -6.18
N LEU A 260 7.71 -13.22 -6.49
CA LEU A 260 7.80 -12.69 -7.84
C LEU A 260 8.06 -13.82 -8.87
N SER A 261 9.01 -14.68 -8.51
CA SER A 261 9.30 -15.83 -9.34
C SER A 261 8.08 -16.70 -9.53
N ASN A 262 7.33 -16.92 -8.47
CA ASN A 262 6.13 -17.75 -8.60
C ASN A 262 5.08 -17.10 -9.46
N ILE A 263 4.90 -15.77 -9.34
CA ILE A 263 3.94 -15.06 -10.15
C ILE A 263 4.32 -15.13 -11.63
N LEU A 264 5.60 -14.91 -11.92
CA LEU A 264 6.08 -14.99 -13.33
C LEU A 264 5.85 -16.37 -13.90
N ASP A 265 6.09 -17.39 -13.09
CA ASP A 265 5.86 -18.76 -13.58
C ASP A 265 4.45 -18.97 -13.91
N VAL A 266 3.50 -18.54 -13.06
CA VAL A 266 2.13 -18.68 -13.36
C VAL A 266 1.73 -17.85 -14.54
N MET A 267 2.24 -16.64 -14.72
CA MET A 267 1.95 -15.85 -15.88
C MET A 267 2.37 -16.63 -17.13
N ASP A 268 3.52 -17.27 -17.12
CA ASP A 268 3.98 -18.02 -18.25
C ASP A 268 3.09 -19.22 -18.50
N GLU A 269 2.63 -19.90 -17.47
CA GLU A 269 1.78 -21.08 -17.62
C GLU A 269 0.38 -20.77 -18.01
N GLU A 270 -0.11 -19.62 -17.65
CA GLU A 270 -1.49 -19.19 -17.89
C GLU A 270 -1.65 -18.29 -19.07
N SER A 271 -0.55 -17.92 -19.74
CA SER A 271 -0.55 -16.95 -20.84
C SER A 271 -1.15 -17.52 -22.12
C2 GJD B . -5.18 9.47 -3.63
C4 GJD B . -4.68 9.81 -5.87
C5 GJD B . -3.36 9.97 -5.47
C6 GJD B . -3.04 9.92 -4.10
CAT GJD B . -9.40 3.65 -1.73
CAS GJD B . -8.77 4.82 -1.22
CAQ GJD B . -8.96 6.21 -1.52
OAR GJD B . -10.15 6.63 -1.70
NAN GJD B . -7.94 7.06 -1.46
CAL GJD B . -8.12 8.52 -1.64
CAM GJD B . -7.51 8.97 -3.01
CAK GJD B . -7.22 9.24 -0.58
CAJ GJD B . -5.77 9.14 -1.19
NAI GJD B . -6.08 9.21 -2.69
N3 GJD B . -5.62 9.57 -4.89
NAH GJD B . -5.11 9.80 -7.11
N1 GJD B . -4.02 9.68 -3.20
CAG GJD B . -2.23 10.24 -6.46
OAO GJD B . -2.57 10.63 -7.56
NAP GJD B . -1.01 10.06 -6.03
#